data_8Q69
#
_entry.id   8Q69
#
_cell.length_a   39.195
_cell.length_b   84.574
_cell.length_c   81.966
_cell.angle_alpha   90.00
_cell.angle_beta   99.03
_cell.angle_gamma   90.00
#
_symmetry.space_group_name_H-M   'P 1 21 1'
#
loop_
_entity.id
_entity.type
_entity.pdbx_description
1 polymer 'mRNA cap guanine-N7 methyltransferase'
2 non-polymer S-ADENOSYL-L-HOMOCYSTEINE
3 non-polymer 1-[(3~{S})-3-(2~{H}-pyrazolo[3,4-b]pyridin-3-yl)piperidin-1-yl]-2-thiophen-3-yl-ethanone
4 non-polymer 'SULFATE ION'
5 non-polymer GLYCEROL
6 water water
#
_entity_poly.entity_id   1
_entity_poly.type   'polypeptide(L)'
_entity_poly.pdbx_seq_one_letter_code
;SQSRIFYLRNFNNWMKSVLIGEFLEKVRQKKKRDITVLDLGCGKGGDLLKWKKGRINKLVCTDIADVSVKQCQQRYEDMK
NRRDSEYIFSAEFITADSSKELLIDKFRDPQMCFDICSCQFVCHYSFESYEQADMMLRNACERLSPGGYFIGTTPNSFEL
IRRLEASETESFGNEIYTVKFQKKGDYPLFGCKYDFNLEGVVDVPEFLVYFPLLNEMAKKYNMKLVYKKTFLEFYEEKIK
NNENKMLLKRMGLGCLSKSEWEATSIYLVFAFEKQQ
;
_entity_poly.pdbx_strand_id   A,B
#
loop_
_chem_comp.id
_chem_comp.type
_chem_comp.name
_chem_comp.formula
GOL non-polymer GLYCEROL 'C3 H8 O3'
K7R non-polymer 1-[(3~{S})-3-(2~{H}-pyrazolo[3,4-b]pyridin-3-yl)piperidin-1-yl]-2-thiophen-3-yl-ethanone 'C17 H18 N4 O S'
SAH non-polymer S-ADENOSYL-L-HOMOCYSTEINE 'C14 H20 N6 O5 S'
SO4 non-polymer 'SULFATE ION' 'O4 S -2'
#
# COMPACT_ATOMS: atom_id res chain seq x y z
N SER A 3 -26.93 -20.78 11.44
CA SER A 3 -26.81 -19.37 11.04
C SER A 3 -26.99 -19.23 9.53
N ARG A 4 -26.62 -18.05 9.01
CA ARG A 4 -26.73 -17.76 7.59
C ARG A 4 -25.40 -17.94 6.87
N ILE A 5 -24.60 -18.91 7.29
CA ILE A 5 -23.27 -19.09 6.69
C ILE A 5 -23.37 -19.24 5.18
N PHE A 6 -24.39 -19.96 4.71
CA PHE A 6 -24.46 -20.30 3.30
C PHE A 6 -24.99 -19.17 2.44
N TYR A 7 -25.60 -18.13 3.02
CA TYR A 7 -25.84 -16.91 2.26
C TYR A 7 -24.54 -16.35 1.74
N LEU A 8 -23.59 -16.08 2.65
CA LEU A 8 -22.30 -15.54 2.25
C LEU A 8 -21.50 -16.55 1.43
N ARG A 9 -21.43 -17.79 1.90
CA ARG A 9 -20.72 -18.83 1.15
C ARG A 9 -21.19 -18.89 -0.29
N ASN A 10 -22.51 -18.95 -0.49
CA ASN A 10 -23.05 -19.12 -1.83
C ASN A 10 -22.92 -17.83 -2.65
N PHE A 11 -23.11 -16.68 -2.02
CA PHE A 11 -22.85 -15.43 -2.72
C PHE A 11 -21.39 -15.33 -3.15
N ASN A 12 -20.47 -15.70 -2.25
CA ASN A 12 -19.06 -15.68 -2.62
C ASN A 12 -18.76 -16.69 -3.73
N ASN A 13 -19.45 -17.83 -3.71
CA ASN A 13 -19.28 -18.78 -4.81
C ASN A 13 -19.85 -18.23 -6.11
N TRP A 14 -20.94 -17.47 -6.05
CA TRP A 14 -21.42 -16.78 -7.25
C TRP A 14 -20.39 -15.78 -7.73
N MET A 15 -19.77 -15.05 -6.81
CA MET A 15 -18.70 -14.12 -7.17
C MET A 15 -17.59 -14.86 -7.90
N LYS A 16 -17.13 -15.97 -7.33
CA LYS A 16 -16.06 -16.74 -7.96
C LYS A 16 -16.49 -17.27 -9.32
N SER A 17 -17.74 -17.75 -9.43
CA SER A 17 -18.22 -18.25 -10.71
C SER A 17 -18.22 -17.16 -11.77
N VAL A 18 -18.66 -15.96 -11.43
CA VAL A 18 -18.65 -14.86 -12.39
C VAL A 18 -17.21 -14.51 -12.76
N LEU A 19 -16.32 -14.47 -11.78
CA LEU A 19 -14.91 -14.17 -12.05
C LEU A 19 -14.29 -15.29 -12.89
N ILE A 20 -14.42 -16.53 -12.45
CA ILE A 20 -13.87 -17.67 -13.20
C ILE A 20 -14.51 -17.72 -14.59
N GLY A 21 -15.84 -17.60 -14.64
CA GLY A 21 -16.52 -17.66 -15.92
C GLY A 21 -16.02 -16.61 -16.90
N GLU A 22 -15.80 -15.39 -16.42
CA GLU A 22 -15.37 -14.31 -17.30
C GLU A 22 -14.04 -14.64 -17.97
N PHE A 23 -13.07 -15.10 -17.19
CA PHE A 23 -11.74 -15.33 -17.74
C PHE A 23 -11.58 -16.69 -18.38
N LEU A 24 -12.42 -17.67 -18.01
CA LEU A 24 -12.52 -18.87 -18.81
C LEU A 24 -13.02 -18.54 -20.22
N GLU A 25 -14.01 -17.65 -20.32
CA GLU A 25 -14.49 -17.22 -21.62
C GLU A 25 -13.40 -16.50 -22.41
N LYS A 26 -12.57 -15.71 -21.72
CA LYS A 26 -11.47 -15.05 -22.40
C LYS A 26 -10.41 -16.05 -22.83
N VAL A 27 -10.18 -17.10 -22.03
CA VAL A 27 -9.27 -18.16 -22.44
C VAL A 27 -9.85 -18.93 -23.62
N ARG A 28 -11.13 -19.30 -23.54
CA ARG A 28 -11.77 -20.07 -24.59
C ARG A 28 -11.84 -19.30 -25.91
N GLN A 29 -11.82 -17.98 -25.87
CA GLN A 29 -11.78 -17.18 -27.10
C GLN A 29 -10.48 -17.37 -27.87
N LYS A 30 -9.55 -18.15 -27.33
CA LYS A 30 -8.27 -18.42 -27.98
C LYS A 30 -7.98 -19.90 -27.88
N LYS A 31 -8.00 -20.41 -26.65
CA LYS A 31 -7.72 -21.80 -26.35
C LYS A 31 -9.03 -22.51 -26.04
N LYS A 32 -9.76 -22.85 -27.11
CA LYS A 32 -10.78 -23.88 -26.98
C LYS A 32 -10.17 -25.27 -26.91
N ARG A 33 -8.84 -25.36 -27.06
CA ARG A 33 -8.13 -26.62 -27.20
C ARG A 33 -7.96 -27.37 -25.88
N ASP A 34 -7.13 -26.82 -24.97
CA ASP A 34 -6.63 -27.56 -23.81
C ASP A 34 -6.51 -26.63 -22.61
N ILE A 35 -7.66 -26.17 -22.09
CA ILE A 35 -7.64 -25.23 -20.97
C ILE A 35 -7.04 -25.92 -19.75
N THR A 36 -5.98 -25.33 -19.20
CA THR A 36 -5.30 -25.84 -18.02
C THR A 36 -5.35 -24.78 -16.93
N VAL A 37 -5.73 -25.20 -15.72
CA VAL A 37 -6.01 -24.27 -14.62
C VAL A 37 -5.25 -24.72 -13.38
N LEU A 38 -4.59 -23.78 -12.72
CA LEU A 38 -4.00 -23.99 -11.40
C LEU A 38 -4.95 -23.35 -10.37
N ASP A 39 -5.57 -24.18 -9.55
CA ASP A 39 -6.38 -23.69 -8.43
C ASP A 39 -5.49 -23.64 -7.21
N LEU A 40 -4.91 -22.46 -6.95
CA LEU A 40 -3.94 -22.28 -5.89
C LEU A 40 -4.66 -22.02 -4.57
N GLY A 41 -4.46 -22.89 -3.59
CA GLY A 41 -5.21 -22.83 -2.36
C GLY A 41 -6.63 -23.29 -2.60
N CYS A 42 -6.76 -24.45 -3.24
CA CYS A 42 -8.06 -24.96 -3.66
C CYS A 42 -8.99 -25.26 -2.50
N GLY A 43 -8.47 -25.36 -1.28
CA GLY A 43 -9.32 -25.77 -0.19
C GLY A 43 -9.85 -27.17 -0.42
N LYS A 44 -11.08 -27.39 0.04
CA LYS A 44 -11.74 -28.68 -0.13
C LYS A 44 -12.40 -28.84 -1.50
N GLY A 45 -11.99 -28.04 -2.47
CA GLY A 45 -12.49 -28.18 -3.82
C GLY A 45 -13.76 -27.43 -4.13
N GLY A 46 -14.02 -26.32 -3.45
CA GLY A 46 -15.24 -25.57 -3.68
C GLY A 46 -15.43 -25.11 -5.11
N ASP A 47 -14.34 -25.00 -5.88
CA ASP A 47 -14.40 -24.50 -7.25
C ASP A 47 -14.32 -25.60 -8.30
N LEU A 48 -14.22 -26.86 -7.89
CA LEU A 48 -14.17 -27.96 -8.85
C LEU A 48 -15.31 -27.89 -9.84
N LEU A 49 -16.53 -27.70 -9.34
CA LEU A 49 -17.71 -27.66 -10.21
C LEU A 49 -17.60 -26.52 -11.22
N LYS A 50 -17.13 -25.35 -10.78
CA LYS A 50 -16.96 -24.24 -11.70
C LYS A 50 -16.01 -24.60 -12.83
N TRP A 51 -14.95 -25.36 -12.52
CA TRP A 51 -14.04 -25.82 -13.56
C TRP A 51 -14.71 -26.86 -14.45
N LYS A 52 -15.57 -27.70 -13.86
CA LYS A 52 -16.32 -28.65 -14.66
C LYS A 52 -17.27 -27.95 -15.61
N LYS A 53 -18.06 -27.00 -15.10
CA LYS A 53 -18.93 -26.21 -15.96
C LYS A 53 -18.14 -25.41 -16.98
N GLY A 54 -16.93 -24.98 -16.61
CA GLY A 54 -16.07 -24.28 -17.54
C GLY A 54 -15.53 -25.13 -18.66
N ARG A 55 -15.64 -26.44 -18.52
CA ARG A 55 -15.17 -27.32 -19.59
C ARG A 55 -13.72 -27.26 -19.84
N ILE A 56 -12.98 -27.09 -18.76
CA ILE A 56 -11.53 -27.06 -18.87
C ILE A 56 -11.04 -28.49 -19.06
N ASN A 57 -9.75 -28.66 -19.29
CA ASN A 57 -9.17 -29.95 -19.63
C ASN A 57 -8.27 -30.53 -18.54
N LYS A 58 -7.42 -29.70 -17.94
CA LYS A 58 -6.53 -30.13 -16.87
C LYS A 58 -6.62 -29.14 -15.73
N LEU A 59 -6.65 -29.66 -14.51
CA LEU A 59 -6.72 -28.84 -13.30
C LEU A 59 -5.69 -29.33 -12.30
N VAL A 60 -4.88 -28.41 -11.80
CA VAL A 60 -4.00 -28.70 -10.67
C VAL A 60 -4.63 -28.07 -9.44
N CYS A 61 -5.02 -28.91 -8.48
CA CYS A 61 -5.56 -28.46 -7.21
C CYS A 61 -4.47 -28.56 -6.17
N THR A 62 -4.15 -27.45 -5.51
CA THR A 62 -3.10 -27.47 -4.51
C THR A 62 -3.51 -26.61 -3.33
N ASP A 63 -3.18 -27.08 -2.13
CA ASP A 63 -3.46 -26.37 -0.91
C ASP A 63 -2.40 -26.74 0.11
N ILE A 64 -2.19 -25.86 1.08
CA ILE A 64 -1.24 -26.15 2.14
C ILE A 64 -1.80 -27.21 3.09
N ALA A 65 -3.11 -27.29 3.22
CA ALA A 65 -3.75 -28.24 4.13
C ALA A 65 -3.96 -29.56 3.41
N ASP A 66 -3.21 -30.59 3.82
CA ASP A 66 -3.33 -31.90 3.17
C ASP A 66 -4.73 -32.46 3.32
N VAL A 67 -5.35 -32.27 4.49
CA VAL A 67 -6.72 -32.74 4.70
C VAL A 67 -7.65 -32.14 3.65
N SER A 68 -7.44 -30.87 3.30
CA SER A 68 -8.29 -30.21 2.32
C SER A 68 -8.01 -30.71 0.92
N VAL A 69 -6.74 -30.93 0.59
CA VAL A 69 -6.39 -31.46 -0.73
C VAL A 69 -7.02 -32.83 -0.94
N LYS A 70 -6.97 -33.69 0.08
CA LYS A 70 -7.55 -35.02 -0.05
C LYS A 70 -9.07 -34.94 -0.16
N GLN A 71 -9.71 -34.06 0.61
CA GLN A 71 -11.12 -33.79 0.39
C GLN A 71 -11.37 -33.26 -1.02
N CYS A 72 -10.52 -32.36 -1.48
CA CYS A 72 -10.61 -31.90 -2.86
C CYS A 72 -10.49 -33.06 -3.83
N GLN A 73 -9.50 -33.92 -3.62
CA GLN A 73 -9.36 -35.11 -4.46
C GLN A 73 -10.63 -35.95 -4.44
N GLN A 74 -11.17 -36.21 -3.24
CA GLN A 74 -12.34 -37.06 -3.13
C GLN A 74 -13.55 -36.44 -3.81
N ARG A 75 -13.79 -35.14 -3.58
CA ARG A 75 -14.89 -34.48 -4.27
C ARG A 75 -14.72 -34.58 -5.77
N TYR A 76 -13.48 -34.44 -6.26
CA TYR A 76 -13.23 -34.57 -7.69
C TYR A 76 -13.57 -35.98 -8.17
N GLU A 77 -13.08 -37.00 -7.46
CA GLU A 77 -13.36 -38.38 -7.86
C GLU A 77 -14.86 -38.67 -7.79
N ASP A 78 -15.57 -38.06 -6.84
CA ASP A 78 -17.02 -38.22 -6.80
C ASP A 78 -17.66 -37.60 -8.03
N MET A 79 -17.22 -36.39 -8.40
CA MET A 79 -17.66 -35.80 -9.66
C MET A 79 -17.36 -36.72 -10.83
N LYS A 80 -16.12 -37.20 -10.91
CA LYS A 80 -15.72 -38.04 -12.02
C LYS A 80 -16.53 -39.33 -12.07
N ASN A 81 -16.76 -39.93 -10.90
CA ASN A 81 -17.37 -41.25 -10.85
C ASN A 81 -18.79 -41.27 -11.39
N ARG A 82 -19.43 -40.14 -11.64
CA ARG A 82 -20.76 -40.22 -12.24
C ARG A 82 -20.95 -39.00 -12.95
N ARG A 83 -21.57 -39.10 -14.12
CA ARG A 83 -21.85 -37.91 -14.82
C ARG A 83 -22.89 -38.04 -15.86
N ASP A 84 -23.55 -36.93 -16.05
CA ASP A 84 -24.48 -36.78 -17.15
C ASP A 84 -23.48 -36.65 -18.34
N SER A 85 -22.48 -35.80 -18.13
CA SER A 85 -21.38 -35.60 -18.99
C SER A 85 -20.52 -36.84 -19.27
N GLU A 86 -19.77 -36.72 -20.33
CA GLU A 86 -18.85 -37.76 -20.74
C GLU A 86 -17.40 -37.35 -20.58
N TYR A 87 -17.09 -36.07 -20.67
CA TYR A 87 -15.77 -35.55 -20.37
C TYR A 87 -15.78 -34.85 -19.02
N ILE A 88 -14.61 -34.79 -18.41
CA ILE A 88 -14.36 -33.95 -17.25
C ILE A 88 -12.85 -33.77 -17.16
N PHE A 89 -12.44 -32.56 -16.83
CA PHE A 89 -11.01 -32.27 -16.75
C PHE A 89 -10.29 -33.35 -15.97
N SER A 90 -9.04 -33.57 -16.32
CA SER A 90 -8.15 -34.35 -15.47
C SER A 90 -7.56 -33.43 -14.41
N ALA A 91 -7.22 -34.01 -13.26
CA ALA A 91 -6.76 -33.21 -12.14
C ALA A 91 -5.62 -33.92 -11.43
N GLU A 92 -4.69 -33.14 -10.91
CA GLU A 92 -3.73 -33.61 -9.92
C GLU A 92 -3.88 -32.76 -8.67
N PHE A 93 -3.53 -33.36 -7.53
CA PHE A 93 -3.78 -32.76 -6.24
C PHE A 93 -2.47 -32.72 -5.47
N ILE A 94 -2.03 -31.51 -5.11
CA ILE A 94 -0.71 -31.27 -4.56
C ILE A 94 -0.87 -30.61 -3.19
N THR A 95 -0.40 -31.29 -2.15
CA THR A 95 -0.25 -30.66 -0.85
C THR A 95 1.03 -29.84 -0.87
N ALA A 96 0.93 -28.55 -0.60
CA ALA A 96 2.12 -27.71 -0.66
C ALA A 96 1.80 -26.36 -0.05
N ASP A 97 2.82 -25.77 0.57
CA ASP A 97 2.79 -24.37 0.94
C ASP A 97 3.22 -23.58 -0.29
N SER A 98 2.26 -23.08 -1.05
CA SER A 98 2.60 -22.33 -2.25
C SER A 98 3.30 -21.02 -1.93
N SER A 99 3.51 -20.72 -0.64
CA SER A 99 4.29 -19.57 -0.21
C SER A 99 5.75 -19.92 0.08
N LYS A 100 6.07 -21.21 0.20
CA LYS A 100 7.43 -21.66 0.46
C LYS A 100 7.97 -22.65 -0.56
N GLU A 101 7.11 -23.47 -1.16
CA GLU A 101 7.54 -24.50 -2.09
C GLU A 101 7.29 -24.06 -3.54
N LEU A 102 8.18 -24.51 -4.43
CA LEU A 102 7.96 -24.41 -5.86
C LEU A 102 6.96 -25.48 -6.28
N LEU A 103 5.85 -25.07 -6.89
CA LEU A 103 4.85 -26.04 -7.32
C LEU A 103 5.35 -26.87 -8.50
N ILE A 104 6.24 -26.30 -9.33
CA ILE A 104 6.77 -27.06 -10.46
C ILE A 104 7.54 -28.29 -9.97
N ASP A 105 8.10 -28.22 -8.76
CA ASP A 105 8.76 -29.37 -8.17
C ASP A 105 7.78 -30.49 -7.86
N LYS A 106 6.50 -30.18 -7.78
CA LYS A 106 5.52 -31.17 -7.45
C LYS A 106 4.67 -31.59 -8.59
N PHE A 107 4.55 -30.73 -9.56
CA PHE A 107 3.70 -31.11 -10.67
C PHE A 107 4.06 -32.46 -11.32
N ARG A 108 3.10 -33.09 -11.98
CA ARG A 108 3.39 -34.29 -12.71
C ARG A 108 4.31 -33.89 -13.85
N ASP A 109 3.94 -32.81 -14.50
CA ASP A 109 4.64 -32.19 -15.56
C ASP A 109 5.08 -30.73 -15.22
N PRO A 110 6.27 -30.57 -14.68
CA PRO A 110 7.12 -29.41 -14.37
C PRO A 110 7.08 -28.32 -15.43
N GLN A 111 7.12 -28.67 -16.71
CA GLN A 111 7.05 -27.67 -17.77
C GLN A 111 5.62 -27.41 -18.22
N MET A 112 4.62 -27.99 -17.55
CA MET A 112 3.24 -27.69 -17.87
C MET A 112 3.00 -26.19 -17.73
N CYS A 113 2.05 -25.69 -18.50
CA CYS A 113 1.67 -24.29 -18.48
C CYS A 113 0.19 -24.17 -18.19
N PHE A 114 -0.19 -23.08 -17.52
CA PHE A 114 -1.58 -22.83 -17.15
C PHE A 114 -2.13 -21.67 -17.95
N ASP A 115 -3.40 -21.77 -18.32
CA ASP A 115 -4.12 -20.66 -18.90
C ASP A 115 -4.75 -19.77 -17.85
N ILE A 116 -5.09 -20.34 -16.69
CA ILE A 116 -5.61 -19.60 -15.55
C ILE A 116 -5.01 -20.18 -14.29
N CYS A 117 -4.50 -19.33 -13.42
CA CYS A 117 -4.28 -19.65 -12.03
C CYS A 117 -5.32 -18.88 -11.23
N SER A 118 -6.25 -19.61 -10.60
CA SER A 118 -7.27 -19.02 -9.76
C SER A 118 -6.83 -19.15 -8.31
N CYS A 119 -6.77 -18.01 -7.61
CA CYS A 119 -6.28 -17.95 -6.23
C CYS A 119 -7.37 -17.25 -5.42
N GLN A 120 -8.35 -18.02 -4.96
CA GLN A 120 -9.57 -17.48 -4.37
C GLN A 120 -9.43 -17.49 -2.85
N PHE A 121 -9.31 -16.29 -2.26
CA PHE A 121 -9.26 -16.13 -0.81
C PHE A 121 -8.03 -16.81 -0.21
N VAL A 122 -6.89 -16.68 -0.89
CA VAL A 122 -5.68 -17.41 -0.49
C VAL A 122 -4.47 -16.50 -0.42
N CYS A 123 -4.30 -15.65 -1.44
CA CYS A 123 -3.01 -14.99 -1.64
C CYS A 123 -2.59 -14.14 -0.45
N HIS A 124 -3.56 -13.63 0.34
CA HIS A 124 -3.17 -12.79 1.48
C HIS A 124 -2.41 -13.58 2.53
N TYR A 125 -2.58 -14.90 2.60
CA TYR A 125 -1.76 -15.70 3.50
C TYR A 125 -0.30 -15.71 3.06
N SER A 126 -0.02 -15.42 1.79
CA SER A 126 1.33 -15.36 1.28
C SER A 126 2.09 -14.12 1.73
N PHE A 127 1.41 -13.10 2.23
CA PHE A 127 2.07 -11.84 2.57
C PHE A 127 2.56 -11.82 4.01
N GLU A 128 2.68 -12.98 4.63
CA GLU A 128 3.48 -13.10 5.85
C GLU A 128 4.87 -12.51 5.65
N SER A 129 5.44 -12.70 4.46
CA SER A 129 6.78 -12.22 4.16
C SER A 129 6.89 -11.96 2.67
N TYR A 130 7.94 -11.23 2.29
CA TYR A 130 8.15 -10.94 0.88
C TYR A 130 8.44 -12.21 0.09
N GLU A 131 9.34 -13.05 0.60
CA GLU A 131 9.69 -14.27 -0.12
C GLU A 131 8.48 -15.17 -0.30
N GLN A 132 7.59 -15.20 0.69
CA GLN A 132 6.37 -15.98 0.58
C GLN A 132 5.41 -15.36 -0.41
N ALA A 133 5.22 -14.04 -0.34
CA ALA A 133 4.38 -13.36 -1.32
C ALA A 133 4.94 -13.54 -2.72
N ASP A 134 6.26 -13.36 -2.88
CA ASP A 134 6.90 -13.61 -4.15
C ASP A 134 6.71 -15.06 -4.59
N MET A 135 6.91 -16.00 -3.70
CA MET A 135 6.79 -17.40 -4.03
C MET A 135 5.40 -17.77 -4.47
N MET A 136 4.38 -17.27 -3.81
CA MET A 136 3.03 -17.57 -4.25
C MET A 136 2.75 -16.95 -5.61
N LEU A 137 3.20 -15.71 -5.83
CA LEU A 137 3.09 -15.11 -7.15
C LEU A 137 3.81 -15.94 -8.20
N ARG A 138 5.08 -16.27 -7.94
CA ARG A 138 5.82 -17.16 -8.83
C ARG A 138 5.00 -18.41 -9.13
N ASN A 139 4.46 -19.04 -8.07
CA ASN A 139 3.70 -20.27 -8.27
C ASN A 139 2.44 -20.02 -9.08
N ALA A 140 1.77 -18.89 -8.83
CA ALA A 140 0.55 -18.58 -9.57
C ALA A 140 0.84 -18.14 -11.00
N CYS A 141 2.01 -17.56 -11.25
CA CYS A 141 2.23 -16.80 -12.47
C CYS A 141 3.36 -17.34 -13.35
N GLU A 142 4.44 -17.85 -12.76
CA GLU A 142 5.60 -18.24 -13.56
C GLU A 142 5.21 -19.23 -14.66
N ARG A 143 4.32 -20.16 -14.35
CA ARG A 143 3.90 -21.18 -15.29
C ARG A 143 2.66 -20.79 -16.08
N LEU A 144 2.22 -19.54 -15.96
CA LEU A 144 1.14 -19.04 -16.80
C LEU A 144 1.64 -18.89 -18.24
N SER A 145 0.85 -19.39 -19.18
CA SER A 145 1.18 -19.16 -20.58
C SER A 145 0.97 -17.68 -20.92
N PRO A 146 1.73 -17.15 -21.86
CA PRO A 146 1.45 -15.79 -22.34
C PRO A 146 -0.03 -15.63 -22.66
N GLY A 147 -0.63 -14.58 -22.11
CA GLY A 147 -2.06 -14.40 -22.20
C GLY A 147 -2.86 -15.16 -21.17
N GLY A 148 -2.21 -16.02 -20.38
CA GLY A 148 -2.90 -16.64 -19.27
C GLY A 148 -3.22 -15.63 -18.18
N TYR A 149 -4.16 -16.01 -17.32
CA TYR A 149 -4.70 -15.09 -16.33
C TYR A 149 -4.40 -15.57 -14.92
N PHE A 150 -4.07 -14.62 -14.05
CA PHE A 150 -3.96 -14.84 -12.62
C PHE A 150 -5.13 -14.11 -11.97
N ILE A 151 -6.14 -14.87 -11.56
CA ILE A 151 -7.34 -14.29 -10.98
C ILE A 151 -7.45 -14.74 -9.53
N GLY A 152 -8.09 -13.92 -8.72
CA GLY A 152 -8.20 -14.26 -7.32
C GLY A 152 -9.06 -13.26 -6.58
N THR A 153 -9.30 -13.59 -5.32
CA THR A 153 -10.05 -12.76 -4.40
C THR A 153 -9.25 -12.66 -3.11
N THR A 154 -9.16 -11.45 -2.57
CA THR A 154 -8.35 -11.22 -1.39
C THR A 154 -8.87 -9.98 -0.70
N PRO A 155 -8.70 -9.86 0.62
CA PRO A 155 -9.22 -8.68 1.31
C PRO A 155 -8.66 -7.41 0.69
N ASN A 156 -9.52 -6.40 0.59
CA ASN A 156 -9.14 -5.09 0.09
C ASN A 156 -8.47 -4.33 1.24
N SER A 157 -7.13 -4.21 1.18
CA SER A 157 -6.40 -3.60 2.28
C SER A 157 -6.95 -2.21 2.61
N PHE A 158 -7.40 -1.46 1.61
CA PHE A 158 -7.96 -0.15 1.88
C PHE A 158 -9.20 -0.26 2.76
N GLU A 159 -10.10 -1.19 2.44
CA GLU A 159 -11.31 -1.34 3.24
C GLU A 159 -10.98 -1.80 4.65
N LEU A 160 -10.02 -2.71 4.79
CA LEU A 160 -9.60 -3.16 6.11
C LEU A 160 -9.07 -2.00 6.94
N ILE A 161 -8.17 -1.24 6.35
CA ILE A 161 -7.49 -0.13 6.98
C ILE A 161 -8.47 0.99 7.28
N ARG A 162 -9.30 1.30 6.29
CA ARG A 162 -10.34 2.31 6.47
C ARG A 162 -11.23 1.97 7.65
N ARG A 163 -11.70 0.72 7.72
CA ARG A 163 -12.53 0.30 8.84
C ARG A 163 -11.73 0.30 10.13
N LEU A 164 -10.45 -0.08 10.07
CA LEU A 164 -9.62 -0.07 11.27
C LEU A 164 -9.42 1.35 11.77
N GLU A 165 -9.00 2.27 10.89
CA GLU A 165 -8.81 3.66 11.30
C GLU A 165 -10.11 4.27 11.80
N ALA A 166 -11.24 3.87 11.24
CA ALA A 166 -12.54 4.39 11.67
C ALA A 166 -12.99 3.80 13.00
N SER A 167 -12.51 2.61 13.35
CA SER A 167 -12.90 1.99 14.61
C SER A 167 -12.22 2.66 15.78
N GLU A 168 -12.93 2.72 16.91
CA GLU A 168 -12.35 3.24 18.14
C GLU A 168 -11.33 2.29 18.75
N THR A 169 -11.36 1.02 18.35
CA THR A 169 -10.41 0.02 18.80
C THR A 169 -9.54 -0.43 17.62
N GLU A 170 -8.76 -1.47 17.85
CA GLU A 170 -8.03 -2.14 16.78
C GLU A 170 -8.87 -3.24 16.14
N SER A 171 -10.11 -3.38 16.56
CA SER A 171 -11.04 -4.36 16.02
C SER A 171 -12.16 -3.65 15.27
N PHE A 172 -12.80 -4.39 14.37
CA PHE A 172 -14.05 -3.95 13.78
C PHE A 172 -14.77 -5.19 13.25
N GLY A 173 -16.04 -5.01 12.96
CA GLY A 173 -16.86 -6.09 12.46
C GLY A 173 -18.29 -5.89 12.89
N ASN A 174 -19.04 -6.99 12.84
CA ASN A 174 -20.44 -7.01 13.23
C ASN A 174 -20.71 -8.37 13.87
N GLU A 175 -21.98 -8.78 13.89
CA GLU A 175 -22.32 -10.09 14.42
C GLU A 175 -21.72 -11.22 13.60
N ILE A 176 -21.40 -10.95 12.33
CA ILE A 176 -20.98 -11.99 11.40
C ILE A 176 -19.47 -12.20 11.41
N TYR A 177 -18.70 -11.14 11.59
CA TYR A 177 -17.25 -11.20 11.40
C TYR A 177 -16.58 -10.18 12.30
N THR A 178 -15.32 -10.47 12.63
CA THR A 178 -14.50 -9.53 13.38
C THR A 178 -13.11 -9.54 12.80
N VAL A 179 -12.56 -8.34 12.57
CA VAL A 179 -11.16 -8.16 12.19
C VAL A 179 -10.48 -7.43 13.33
N LYS A 180 -9.39 -8.00 13.84
CA LYS A 180 -8.59 -7.39 14.89
C LYS A 180 -7.16 -7.27 14.42
N PHE A 181 -6.66 -6.04 14.34
CA PHE A 181 -5.26 -5.79 14.04
C PHE A 181 -4.47 -5.74 15.35
N GLN A 182 -3.25 -6.20 15.29
CA GLN A 182 -2.40 -6.20 16.44
C GLN A 182 -2.16 -4.79 16.98
N LYS A 183 -1.90 -3.85 16.11
CA LYS A 183 -1.75 -2.44 16.43
C LYS A 183 -2.31 -1.62 15.28
N LYS A 184 -2.56 -0.34 15.54
CA LYS A 184 -3.06 0.57 14.51
C LYS A 184 -1.93 1.44 13.99
N GLY A 185 -2.07 1.86 12.73
CA GLY A 185 -1.09 2.72 12.10
C GLY A 185 0.19 2.05 11.69
N ASP A 186 0.33 0.74 11.90
CA ASP A 186 1.53 0.00 11.53
C ASP A 186 1.11 -1.09 10.54
N TYR A 187 1.30 -0.81 9.25
CA TYR A 187 0.84 -1.69 8.17
C TYR A 187 2.04 -2.04 7.29
N PRO A 188 2.98 -2.83 7.80
CA PRO A 188 4.15 -3.20 7.00
C PRO A 188 3.72 -3.87 5.70
N LEU A 189 4.52 -3.65 4.66
CA LEU A 189 4.27 -4.32 3.39
C LEU A 189 3.98 -5.80 3.60
N PHE A 190 4.75 -6.44 4.47
CA PHE A 190 4.62 -7.86 4.74
C PHE A 190 4.55 -8.09 6.24
N GLY A 191 3.93 -9.21 6.60
CA GLY A 191 3.78 -9.53 8.00
C GLY A 191 2.78 -8.68 8.74
N CYS A 192 2.09 -7.76 8.07
CA CYS A 192 1.05 -7.00 8.75
C CYS A 192 -0.11 -7.92 9.06
N LYS A 193 -0.09 -8.49 10.24
CA LYS A 193 -1.04 -9.53 10.54
C LYS A 193 -2.27 -8.98 11.24
N TYR A 194 -3.40 -9.61 10.97
CA TYR A 194 -4.64 -9.30 11.65
C TYR A 194 -5.45 -10.58 11.77
N ASP A 195 -6.28 -10.63 12.80
CA ASP A 195 -7.15 -11.77 13.00
C ASP A 195 -8.44 -11.56 12.22
N PHE A 196 -8.79 -12.56 11.42
CA PHE A 196 -10.04 -12.56 10.67
C PHE A 196 -10.92 -13.66 11.25
N ASN A 197 -12.03 -13.27 11.86
CA ASN A 197 -13.02 -14.23 12.35
C ASN A 197 -14.29 -14.05 11.54
N LEU A 198 -14.59 -15.02 10.69
CA LEU A 198 -15.89 -15.13 10.04
C LEU A 198 -16.71 -16.15 10.81
N GLU A 199 -17.69 -15.67 11.56
CA GLU A 199 -18.45 -16.52 12.49
C GLU A 199 -18.93 -17.78 11.80
N GLY A 200 -18.60 -18.93 12.40
CA GLY A 200 -18.98 -20.21 11.86
C GLY A 200 -18.24 -20.68 10.63
N VAL A 201 -17.34 -19.86 10.10
CA VAL A 201 -16.63 -20.21 8.87
C VAL A 201 -15.15 -20.40 9.16
N VAL A 202 -14.47 -19.33 9.58
CA VAL A 202 -13.04 -19.37 9.80
C VAL A 202 -12.66 -18.35 10.86
N ASP A 203 -11.68 -18.72 11.68
CA ASP A 203 -10.96 -17.78 12.54
C ASP A 203 -9.48 -18.05 12.29
N VAL A 204 -8.87 -17.25 11.42
CA VAL A 204 -7.50 -17.51 10.98
C VAL A 204 -6.75 -16.18 10.87
N PRO A 205 -5.48 -16.13 11.22
CA PRO A 205 -4.71 -14.91 11.01
C PRO A 205 -4.46 -14.69 9.52
N GLU A 206 -4.60 -13.45 9.09
CA GLU A 206 -4.33 -13.07 7.71
C GLU A 206 -3.31 -11.95 7.71
N PHE A 207 -2.82 -11.62 6.51
CA PHE A 207 -1.84 -10.56 6.35
C PHE A 207 -2.39 -9.53 5.38
N LEU A 208 -2.17 -8.27 5.71
CA LEU A 208 -2.60 -7.19 4.83
C LEU A 208 -1.91 -7.30 3.48
N VAL A 209 -2.69 -7.26 2.42
CA VAL A 209 -2.18 -7.24 1.06
C VAL A 209 -2.47 -5.85 0.50
N TYR A 210 -1.47 -4.97 0.55
CA TYR A 210 -1.59 -3.70 -0.13
C TYR A 210 -1.58 -3.95 -1.63
N PHE A 211 -2.73 -3.77 -2.28
CA PHE A 211 -2.85 -4.24 -3.66
C PHE A 211 -1.82 -3.61 -4.60
N PRO A 212 -1.52 -2.32 -4.53
CA PRO A 212 -0.41 -1.81 -5.34
C PRO A 212 0.86 -2.60 -5.13
N LEU A 213 1.10 -3.10 -3.92
CA LEU A 213 2.25 -3.96 -3.67
C LEU A 213 2.10 -5.28 -4.41
N LEU A 214 0.94 -5.93 -4.30
CA LEU A 214 0.68 -7.15 -5.06
C LEU A 214 0.83 -6.89 -6.55
N ASN A 215 0.32 -5.74 -7.02
CA ASN A 215 0.44 -5.38 -8.42
C ASN A 215 1.90 -5.28 -8.83
N GLU A 216 2.66 -4.43 -8.13
CA GLU A 216 4.08 -4.27 -8.41
C GLU A 216 4.78 -5.62 -8.45
N MET A 217 4.49 -6.48 -7.47
CA MET A 217 5.19 -7.76 -7.37
C MET A 217 4.83 -8.71 -8.51
N ALA A 218 3.58 -8.66 -8.99
CA ALA A 218 3.21 -9.50 -10.12
C ALA A 218 4.00 -9.15 -11.37
N LYS A 219 4.52 -7.92 -11.46
CA LYS A 219 5.30 -7.53 -12.62
C LYS A 219 6.54 -8.42 -12.79
N LYS A 220 7.13 -8.85 -11.68
CA LYS A 220 8.32 -9.69 -11.75
C LYS A 220 8.07 -10.95 -12.57
N TYR A 221 6.83 -11.38 -12.69
CA TYR A 221 6.47 -12.55 -13.49
C TYR A 221 5.72 -12.17 -14.76
N ASN A 222 6.02 -10.99 -15.29
CA ASN A 222 5.48 -10.54 -16.57
C ASN A 222 3.96 -10.39 -16.52
N MET A 223 3.43 -10.08 -15.36
CA MET A 223 1.99 -9.91 -15.17
C MET A 223 1.62 -8.44 -15.22
N LYS A 224 0.49 -8.15 -15.86
CA LYS A 224 -0.11 -6.82 -15.85
C LYS A 224 -1.52 -6.94 -15.35
N LEU A 225 -1.95 -5.97 -14.54
CA LEU A 225 -3.30 -5.99 -14.01
C LEU A 225 -4.31 -5.88 -15.15
N VAL A 226 -5.23 -6.83 -15.21
CA VAL A 226 -6.42 -6.66 -16.04
C VAL A 226 -7.42 -5.75 -15.34
N TYR A 227 -7.79 -6.10 -14.11
CA TYR A 227 -8.56 -5.19 -13.28
C TYR A 227 -8.49 -5.61 -11.83
N LYS A 228 -8.70 -4.63 -10.96
CA LYS A 228 -9.00 -4.83 -9.55
C LYS A 228 -10.35 -4.20 -9.28
N LYS A 229 -11.24 -4.96 -8.66
CA LYS A 229 -12.58 -4.46 -8.33
C LYS A 229 -12.92 -4.86 -6.90
N THR A 230 -13.38 -3.89 -6.12
CA THR A 230 -13.98 -4.22 -4.85
C THR A 230 -15.15 -5.18 -5.09
N PHE A 231 -15.49 -5.96 -4.06
CA PHE A 231 -16.63 -6.86 -4.21
C PHE A 231 -17.90 -6.08 -4.54
N LEU A 232 -18.03 -4.85 -4.02
CA LEU A 232 -19.15 -4.01 -4.37
C LEU A 232 -19.14 -3.67 -5.86
N GLU A 233 -18.04 -3.07 -6.33
CA GLU A 233 -17.90 -2.78 -7.75
C GLU A 233 -18.19 -4.01 -8.59
N PHE A 234 -17.55 -5.13 -8.26
CA PHE A 234 -17.72 -6.36 -9.03
C PHE A 234 -19.18 -6.79 -9.04
N TYR A 235 -19.79 -6.91 -7.86
CA TYR A 235 -21.19 -7.30 -7.79
C TYR A 235 -22.07 -6.32 -8.57
N GLU A 236 -21.98 -5.03 -8.25
CA GLU A 236 -22.83 -4.05 -8.91
C GLU A 236 -22.68 -4.12 -10.43
N GLU A 237 -21.45 -4.32 -10.90
CA GLU A 237 -21.24 -4.48 -12.33
C GLU A 237 -21.82 -5.79 -12.83
N LYS A 238 -21.52 -6.91 -12.15
CA LYS A 238 -21.82 -8.22 -12.69
C LYS A 238 -23.31 -8.55 -12.65
N ILE A 239 -24.06 -7.99 -11.69
CA ILE A 239 -25.50 -8.27 -11.67
C ILE A 239 -26.19 -7.63 -12.86
N LYS A 240 -25.60 -6.59 -13.46
CA LYS A 240 -26.23 -5.95 -14.61
C LYS A 240 -26.44 -6.94 -15.74
N ASN A 241 -25.49 -7.87 -15.93
CA ASN A 241 -25.68 -8.97 -16.86
C ASN A 241 -26.62 -10.00 -16.22
N ASN A 242 -27.83 -10.06 -16.77
CA ASN A 242 -28.83 -10.99 -16.17
CA ASN A 242 -28.86 -11.02 -16.30
C ASN A 242 -28.54 -12.57 -16.13
N GLU A 243 -27.62 -12.95 -17.02
CA GLU A 243 -27.09 -14.30 -16.81
C GLU A 243 -26.49 -14.40 -15.41
N ASN A 244 -25.66 -13.42 -15.04
CA ASN A 244 -25.09 -13.39 -13.70
C ASN A 244 -26.17 -13.23 -12.64
N LYS A 245 -27.13 -12.34 -12.88
CA LYS A 245 -28.22 -12.14 -11.93
C LYS A 245 -28.97 -13.44 -11.67
N MET A 246 -29.43 -14.10 -12.74
CA MET A 246 -30.15 -15.36 -12.56
C MET A 246 -29.27 -16.40 -11.89
N LEU A 247 -27.99 -16.47 -12.27
CA LEU A 247 -27.08 -17.40 -11.62
C LEU A 247 -27.00 -17.13 -10.13
N LEU A 248 -27.05 -15.86 -9.73
CA LEU A 248 -27.05 -15.53 -8.31
C LEU A 248 -28.34 -15.98 -7.64
N LYS A 249 -29.47 -15.84 -8.33
CA LYS A 249 -30.73 -16.29 -7.76
C LYS A 249 -30.74 -17.80 -7.58
N ARG A 250 -30.07 -18.54 -8.46
CA ARG A 250 -30.06 -20.01 -8.37
C ARG A 250 -29.08 -20.51 -7.32
N MET A 251 -27.93 -19.84 -7.18
CA MET A 251 -26.87 -20.30 -6.24
C MET A 251 -27.08 -19.73 -4.83
N GLY A 252 -27.56 -18.49 -4.76
CA GLY A 252 -27.79 -17.79 -3.49
C GLY A 252 -28.95 -18.32 -2.69
N LEU A 253 -29.07 -17.93 -1.43
CA LEU A 253 -30.24 -18.34 -0.65
C LEU A 253 -31.15 -17.15 -0.38
N GLY A 254 -31.02 -16.09 -1.16
CA GLY A 254 -31.75 -14.85 -0.95
C GLY A 254 -30.80 -13.69 -0.70
N CYS A 255 -31.34 -12.51 -0.49
CA CYS A 255 -30.53 -11.31 -0.23
C CYS A 255 -29.54 -11.51 0.93
N LEU A 256 -28.33 -11.03 0.70
CA LEU A 256 -27.40 -10.78 1.80
C LEU A 256 -27.95 -9.78 2.81
N SER A 257 -27.68 -10.09 4.05
CA SER A 257 -28.02 -9.17 5.15
C SER A 257 -27.02 -8.02 5.07
N LYS A 258 -27.33 -6.91 5.69
CA LYS A 258 -26.40 -5.76 5.73
C LYS A 258 -25.06 -6.24 6.32
N SER A 259 -25.12 -7.05 7.36
CA SER A 259 -23.91 -7.54 8.06
C SER A 259 -23.07 -8.44 7.13
N GLU A 260 -23.76 -9.27 6.36
CA GLU A 260 -23.08 -10.18 5.41
C GLU A 260 -22.36 -9.33 4.37
N TRP A 261 -23.06 -8.34 3.87
CA TRP A 261 -22.48 -7.48 2.82
C TRP A 261 -21.28 -6.71 3.40
N GLU A 262 -21.38 -6.35 4.67
CA GLU A 262 -20.25 -5.69 5.35
C GLU A 262 -19.06 -6.66 5.38
N ALA A 263 -19.30 -7.92 5.75
CA ALA A 263 -18.21 -8.91 5.68
C ALA A 263 -17.68 -9.05 4.25
N THR A 264 -18.55 -9.31 3.29
CA THR A 264 -18.15 -9.57 1.88
C THR A 264 -17.45 -8.39 1.24
N SER A 265 -17.80 -7.20 1.65
CA SER A 265 -17.27 -5.95 1.02
C SER A 265 -15.82 -5.69 1.39
N ILE A 266 -15.27 -6.45 2.32
CA ILE A 266 -13.81 -6.30 2.61
C ILE A 266 -13.02 -6.81 1.41
N TYR A 267 -13.64 -7.65 0.62
CA TYR A 267 -12.86 -8.32 -0.43
C TYR A 267 -12.79 -7.53 -1.73
N LEU A 268 -11.78 -7.90 -2.50
CA LEU A 268 -11.65 -7.34 -3.85
C LEU A 268 -11.42 -8.52 -4.79
N VAL A 269 -11.76 -8.36 -6.04
CA VAL A 269 -11.45 -9.37 -7.07
C VAL A 269 -10.31 -8.77 -7.87
N PHE A 270 -9.44 -9.62 -8.32
CA PHE A 270 -8.34 -9.15 -9.16
C PHE A 270 -8.09 -10.13 -10.28
N ALA A 271 -7.55 -9.59 -11.35
CA ALA A 271 -7.13 -10.42 -12.47
C ALA A 271 -5.93 -9.76 -13.13
N PHE A 272 -4.90 -10.54 -13.29
CA PHE A 272 -3.71 -10.09 -14.06
C PHE A 272 -3.60 -11.00 -15.29
N GLU A 273 -2.94 -10.49 -16.32
CA GLU A 273 -2.69 -11.30 -17.53
C GLU A 273 -1.19 -11.41 -17.77
N LYS A 274 -0.75 -12.61 -18.09
CA LYS A 274 0.66 -12.81 -18.45
C LYS A 274 0.88 -12.09 -19.78
N GLN A 275 1.90 -11.25 -19.77
CA GLN A 275 2.28 -10.53 -21.01
C GLN A 275 3.00 -11.43 -22.03
N GLN A 276 3.10 -10.95 -23.26
CA GLN A 276 3.80 -11.66 -24.35
C GLN A 276 5.31 -11.80 -24.04
N PHE B 6 -1.17 31.74 5.02
CA PHE B 6 -0.09 32.13 5.94
C PHE B 6 -0.28 31.48 7.31
N TYR B 7 -1.53 31.34 7.73
CA TYR B 7 -1.80 30.65 8.99
C TYR B 7 -1.59 29.15 8.85
N LEU B 8 -1.75 28.61 7.64
CA LEU B 8 -1.36 27.22 7.40
C LEU B 8 0.16 27.09 7.39
N ARG B 9 0.85 27.97 6.65
CA ARG B 9 2.30 27.96 6.67
C ARG B 9 2.83 28.03 8.10
N ASN B 10 2.16 28.80 8.93
CA ASN B 10 2.67 29.00 10.29
C ASN B 10 2.46 27.70 11.09
N PHE B 11 1.27 27.15 11.00
CA PHE B 11 1.03 25.88 11.69
C PHE B 11 2.07 24.83 11.29
N ASN B 12 2.32 24.72 9.99
CA ASN B 12 3.36 23.79 9.55
C ASN B 12 4.72 24.18 10.08
N ASN B 13 4.95 25.48 10.31
CA ASN B 13 6.18 25.91 10.94
C ASN B 13 6.24 25.48 12.40
N TRP B 14 5.11 25.56 13.10
CA TRP B 14 5.04 24.99 14.45
C TRP B 14 5.30 23.49 14.41
N MET B 15 4.62 22.79 13.51
CA MET B 15 4.86 21.36 13.33
C MET B 15 6.35 21.10 13.09
N LYS B 16 6.93 21.77 12.09
CA LYS B 16 8.32 21.53 11.76
C LYS B 16 9.24 21.91 12.92
N SER B 17 8.97 23.05 13.58
CA SER B 17 9.77 23.45 14.73
C SER B 17 9.73 22.38 15.82
N VAL B 18 8.53 21.93 16.17
CA VAL B 18 8.39 20.92 17.22
C VAL B 18 9.10 19.63 16.80
N LEU B 19 8.96 19.24 15.53
CA LEU B 19 9.62 18.04 15.04
C LEU B 19 11.14 18.22 15.05
N ILE B 20 11.62 19.27 14.39
CA ILE B 20 13.05 19.56 14.39
C ILE B 20 13.56 19.70 15.82
N GLY B 21 12.80 20.37 16.68
CA GLY B 21 13.22 20.54 18.05
C GLY B 21 13.42 19.21 18.77
N GLU B 22 12.45 18.31 18.61
CA GLU B 22 12.53 17.02 19.30
C GLU B 22 13.82 16.29 18.99
N PHE B 23 14.23 16.29 17.72
CA PHE B 23 15.38 15.50 17.31
C PHE B 23 16.68 16.28 17.31
N LEU B 24 16.63 17.62 17.35
CA LEU B 24 17.81 18.37 17.74
C LEU B 24 18.17 18.07 19.19
N GLU B 25 17.17 17.86 20.04
CA GLU B 25 17.43 17.51 21.43
C GLU B 25 17.83 16.05 21.58
N LYS B 26 17.29 15.16 20.75
CA LYS B 26 17.75 13.78 20.74
C LYS B 26 19.19 13.70 20.25
N VAL B 27 19.53 14.47 19.22
CA VAL B 27 20.91 14.54 18.76
C VAL B 27 21.81 15.12 19.84
N ARG B 28 21.29 16.06 20.59
CA ARG B 28 22.03 16.66 21.66
C ARG B 28 22.10 15.73 22.87
N GLN B 29 21.56 14.53 22.74
CA GLN B 29 21.65 13.51 23.77
C GLN B 29 22.92 12.72 23.54
N LYS B 30 23.64 12.92 22.45
CA LYS B 30 24.87 12.21 22.15
C LYS B 30 25.96 13.18 21.81
N LYS B 31 25.89 13.81 20.66
CA LYS B 31 26.84 14.81 20.32
C LYS B 31 26.32 16.08 20.93
N ASP B 34 28.98 19.25 17.68
CA ASP B 34 28.92 19.92 16.40
C ASP B 34 27.86 19.29 15.51
N ILE B 35 26.64 19.81 15.58
CA ILE B 35 25.49 19.19 14.93
C ILE B 35 25.42 19.63 13.47
N THR B 36 25.50 18.67 12.56
CA THR B 36 25.42 18.90 11.13
C THR B 36 24.04 18.47 10.62
N VAL B 37 23.46 19.29 9.76
CA VAL B 37 22.10 19.06 9.27
C VAL B 37 22.08 19.19 7.76
N LEU B 38 21.36 18.27 7.11
CA LEU B 38 21.04 18.38 5.69
C LEU B 38 19.55 18.70 5.58
N ASP B 39 19.24 19.88 5.06
CA ASP B 39 17.86 20.28 4.80
C ASP B 39 17.58 19.96 3.34
N LEU B 40 16.93 18.82 3.11
CA LEU B 40 16.68 18.31 1.77
C LEU B 40 15.32 18.80 1.27
N GLY B 41 15.33 19.58 0.21
CA GLY B 41 14.15 20.32 -0.17
C GLY B 41 14.05 21.63 0.57
N CYS B 42 15.19 22.27 0.83
CA CYS B 42 15.24 23.51 1.60
C CYS B 42 14.18 24.51 1.18
N GLY B 43 13.76 24.50 -0.08
CA GLY B 43 12.89 25.58 -0.50
C GLY B 43 13.58 26.91 -0.32
N LYS B 44 12.78 27.97 -0.13
CA LYS B 44 13.32 29.30 0.06
C LYS B 44 13.89 29.53 1.45
N GLY B 45 14.21 28.45 2.18
CA GLY B 45 14.84 28.58 3.47
C GLY B 45 13.90 28.80 4.62
N GLY B 46 12.67 28.30 4.54
CA GLY B 46 11.69 28.51 5.60
C GLY B 46 12.06 27.89 6.92
N ASP B 47 13.08 27.03 6.95
CA ASP B 47 13.51 26.37 8.18
C ASP B 47 14.87 26.85 8.66
N LEU B 48 15.51 27.77 7.95
CA LEU B 48 16.82 28.27 8.37
C LEU B 48 16.79 28.73 9.82
N LEU B 49 15.77 29.52 10.19
CA LEU B 49 15.71 30.05 11.54
C LEU B 49 15.53 28.94 12.58
N LYS B 50 14.73 27.92 12.24
CA LYS B 50 14.59 26.79 13.14
C LYS B 50 15.94 26.13 13.41
N TRP B 51 16.80 26.07 12.39
CA TRP B 51 18.14 25.54 12.59
C TRP B 51 19.03 26.53 13.33
N LYS B 52 18.81 27.84 13.13
CA LYS B 52 19.54 28.84 13.90
C LYS B 52 19.17 28.75 15.37
N LYS B 53 17.87 28.82 15.68
CA LYS B 53 17.43 28.62 17.06
C LYS B 53 17.80 27.25 17.60
N GLY B 54 18.16 26.30 16.73
CA GLY B 54 18.66 25.02 17.16
C GLY B 54 20.13 24.99 17.51
N ARG B 55 20.86 26.06 17.20
CA ARG B 55 22.28 26.16 17.51
C ARG B 55 23.09 25.04 16.87
N ILE B 56 22.67 24.61 15.67
CA ILE B 56 23.46 23.65 14.93
C ILE B 56 24.70 24.33 14.35
N ASN B 57 25.67 23.50 13.94
CA ASN B 57 26.97 23.99 13.52
C ASN B 57 27.10 24.09 12.01
N LYS B 58 26.72 23.04 11.27
CA LYS B 58 26.78 23.04 9.82
C LYS B 58 25.42 22.67 9.26
N LEU B 59 25.07 23.29 8.13
CA LEU B 59 23.78 23.06 7.49
C LEU B 59 23.98 22.99 5.99
N VAL B 60 23.44 21.95 5.37
CA VAL B 60 23.45 21.79 3.92
C VAL B 60 22.02 22.00 3.43
N CYS B 61 21.78 23.10 2.74
CA CYS B 61 20.49 23.38 2.13
C CYS B 61 20.56 23.02 0.66
N THR B 62 19.68 22.11 0.23
CA THR B 62 19.64 21.69 -1.15
C THR B 62 18.19 21.62 -1.60
N ASP B 63 17.96 22.01 -2.85
CA ASP B 63 16.63 22.02 -3.45
C ASP B 63 16.78 21.85 -4.94
N ILE B 64 15.76 21.29 -5.58
CA ILE B 64 15.81 21.14 -7.02
C ILE B 64 15.62 22.50 -7.70
N ALA B 65 14.85 23.38 -7.07
CA ALA B 65 14.61 24.72 -7.63
C ALA B 65 15.81 25.60 -7.34
N ASP B 66 16.61 25.89 -8.38
CA ASP B 66 17.74 26.78 -8.20
C ASP B 66 17.29 28.15 -7.70
N VAL B 67 16.17 28.64 -8.23
CA VAL B 67 15.62 29.92 -7.76
C VAL B 67 15.43 29.88 -6.25
N SER B 68 14.80 28.82 -5.74
CA SER B 68 14.57 28.71 -4.31
C SER B 68 15.88 28.58 -3.54
N VAL B 69 16.84 27.86 -4.10
CA VAL B 69 18.13 27.68 -3.45
C VAL B 69 18.81 29.04 -3.27
N LYS B 70 18.80 29.86 -4.32
CA LYS B 70 19.44 31.17 -4.25
C LYS B 70 18.79 32.03 -3.16
N GLN B 71 17.46 32.08 -3.13
CA GLN B 71 16.77 32.84 -2.10
C GLN B 71 17.06 32.28 -0.71
N CYS B 72 17.08 30.95 -0.58
CA CYS B 72 17.46 30.33 0.68
C CYS B 72 18.85 30.79 1.10
N GLN B 73 19.81 30.73 0.19
CA GLN B 73 21.15 31.24 0.48
C GLN B 73 21.09 32.71 0.91
N GLN B 74 20.36 33.53 0.15
CA GLN B 74 20.25 34.95 0.49
C GLN B 74 19.58 35.13 1.85
N ARG B 75 18.47 34.43 2.08
CA ARG B 75 17.82 34.52 3.39
C ARG B 75 18.77 34.08 4.50
N TYR B 76 19.66 33.13 4.22
CA TYR B 76 20.65 32.74 5.21
C TYR B 76 21.67 33.85 5.44
N GLU B 77 22.15 34.48 4.35
CA GLU B 77 23.13 35.55 4.49
C GLU B 77 22.56 36.72 5.28
N ASP B 78 21.29 37.07 5.04
CA ASP B 78 20.68 38.18 5.76
C ASP B 78 20.69 37.93 7.26
N MET B 79 20.26 36.74 7.69
CA MET B 79 20.21 36.47 9.13
C MET B 79 21.59 36.28 9.73
N LYS B 80 22.57 35.85 8.91
CA LYS B 80 23.93 35.72 9.41
C LYS B 80 24.52 37.08 9.80
N ASN B 81 24.46 38.06 8.90
CA ASN B 81 24.98 39.39 9.18
C ASN B 81 24.22 40.06 10.29
N ARG B 82 23.12 39.43 10.72
CA ARG B 82 22.29 39.96 11.78
C ARG B 82 22.84 39.59 13.15
N ILE B 88 26.21 31.60 14.37
CA ILE B 88 25.34 31.00 13.37
C ILE B 88 26.06 29.89 12.64
N PHE B 89 25.33 28.79 12.38
CA PHE B 89 25.89 27.67 11.65
C PHE B 89 26.47 28.13 10.32
N SER B 90 27.50 27.43 9.86
CA SER B 90 27.98 27.60 8.50
C SER B 90 27.06 26.83 7.56
N ALA B 91 26.63 27.50 6.50
CA ALA B 91 25.67 26.92 5.58
C ALA B 91 26.32 26.59 4.24
N GLU B 92 25.76 25.57 3.58
CA GLU B 92 26.11 25.21 2.23
C GLU B 92 24.82 25.14 1.43
N PHE B 93 24.88 25.56 0.17
CA PHE B 93 23.67 25.66 -0.66
C PHE B 93 23.93 24.97 -1.98
N ILE B 94 23.14 23.94 -2.27
CA ILE B 94 23.36 23.05 -3.40
C ILE B 94 22.06 22.94 -4.19
N THR B 95 22.12 23.29 -5.46
CA THR B 95 21.02 23.02 -6.39
C THR B 95 21.21 21.61 -6.94
N ALA B 96 20.19 20.78 -6.80
CA ALA B 96 20.31 19.40 -7.24
C ALA B 96 18.94 18.74 -7.19
N ASP B 97 18.73 17.80 -8.11
CA ASP B 97 17.60 16.88 -8.02
C ASP B 97 18.02 15.76 -7.08
N SER B 98 17.61 15.86 -5.82
CA SER B 98 17.96 14.83 -4.84
C SER B 98 17.37 13.47 -5.17
N SER B 99 16.41 13.41 -6.08
CA SER B 99 15.88 12.13 -6.54
C SER B 99 16.62 11.59 -7.76
N LYS B 100 17.50 12.38 -8.36
CA LYS B 100 18.29 11.95 -9.51
C LYS B 100 19.78 12.17 -9.35
N GLU B 101 20.22 13.12 -8.53
CA GLU B 101 21.64 13.39 -8.32
C GLU B 101 22.05 12.94 -6.93
N LEU B 102 23.27 12.41 -6.83
CA LEU B 102 23.87 12.14 -5.53
C LEU B 102 24.35 13.45 -4.91
N LEU B 103 23.80 13.80 -3.74
CA LEU B 103 24.25 15.01 -3.07
C LEU B 103 25.71 14.91 -2.63
N ILE B 104 26.22 13.69 -2.45
CA ILE B 104 27.60 13.53 -2.00
C ILE B 104 28.56 14.08 -3.03
N ASP B 105 28.15 14.07 -4.30
CA ASP B 105 28.96 14.66 -5.35
C ASP B 105 29.14 16.15 -5.16
N LYS B 106 28.21 16.79 -4.46
CA LYS B 106 28.12 18.23 -4.42
C LYS B 106 28.55 18.81 -3.08
N PHE B 107 28.74 17.99 -2.06
CA PHE B 107 29.16 18.50 -0.77
C PHE B 107 30.57 19.05 -0.87
N ARG B 108 30.82 20.17 -0.18
CA ARG B 108 32.18 20.62 0.03
C ARG B 108 33.01 19.51 0.66
N ASP B 109 32.60 19.05 1.86
CA ASP B 109 33.24 17.94 2.52
C ASP B 109 32.66 16.64 1.97
N PRO B 110 33.41 15.87 1.17
CA PRO B 110 32.81 14.71 0.49
C PRO B 110 32.39 13.60 1.43
N GLN B 111 33.09 13.40 2.55
CA GLN B 111 32.73 12.41 3.53
C GLN B 111 32.09 13.04 4.77
N MET B 112 31.50 14.22 4.61
CA MET B 112 30.79 14.84 5.72
C MET B 112 29.60 13.98 6.13
N CYS B 113 29.33 13.95 7.43
CA CYS B 113 28.23 13.16 7.97
C CYS B 113 27.24 14.07 8.66
N PHE B 114 25.96 13.75 8.52
CA PHE B 114 24.89 14.55 9.09
C PHE B 114 24.34 13.89 10.35
N ASP B 115 23.92 14.72 11.29
CA ASP B 115 23.17 14.25 12.45
C ASP B 115 21.69 14.17 12.16
N ILE B 116 21.18 15.07 11.33
CA ILE B 116 19.79 15.08 10.91
C ILE B 116 19.74 15.36 9.42
N CYS B 117 18.83 14.70 8.72
CA CYS B 117 18.36 15.13 7.41
C CYS B 117 16.89 15.49 7.57
N SER B 118 16.59 16.78 7.51
CA SER B 118 15.22 17.26 7.59
C SER B 118 14.67 17.38 6.18
N CYS B 119 13.65 16.58 5.88
CA CYS B 119 13.04 16.54 4.55
C CYS B 119 11.57 16.91 4.71
N GLN B 120 11.29 18.22 4.71
CA GLN B 120 9.98 18.74 5.05
C GLN B 120 9.20 19.02 3.78
N PHE B 121 8.18 18.19 3.52
CA PHE B 121 7.24 18.40 2.41
C PHE B 121 7.92 18.18 1.06
N VAL B 122 8.81 17.20 0.97
CA VAL B 122 9.65 17.04 -0.21
C VAL B 122 9.63 15.60 -0.71
N CYS B 123 9.58 14.64 0.22
CA CYS B 123 9.82 13.25 -0.15
C CYS B 123 8.84 12.72 -1.18
N HIS B 124 7.58 13.17 -1.14
CA HIS B 124 6.59 12.63 -2.07
C HIS B 124 6.94 12.92 -3.51
N TYR B 125 7.77 13.94 -3.76
CA TYR B 125 8.17 14.23 -5.13
C TYR B 125 9.09 13.16 -5.71
N SER B 126 9.81 12.45 -4.85
CA SER B 126 10.73 11.41 -5.31
C SER B 126 10.01 10.11 -5.68
N PHE B 127 8.75 9.94 -5.29
CA PHE B 127 8.04 8.70 -5.59
C PHE B 127 7.43 8.69 -6.98
N GLU B 128 7.90 9.59 -7.84
CA GLU B 128 7.62 9.48 -9.26
C GLU B 128 8.10 8.14 -9.80
N SER B 129 9.22 7.64 -9.29
CA SER B 129 9.79 6.36 -9.69
C SER B 129 10.47 5.73 -8.48
N TYR B 130 10.74 4.44 -8.57
CA TYR B 130 11.45 3.79 -7.47
C TYR B 130 12.85 4.36 -7.32
N GLU B 131 13.57 4.49 -8.44
CA GLU B 131 14.95 4.96 -8.37
C GLU B 131 15.03 6.38 -7.83
N GLN B 132 14.01 7.20 -8.10
CA GLN B 132 13.97 8.55 -7.54
C GLN B 132 13.72 8.49 -6.03
N ALA B 133 12.70 7.75 -5.61
CA ALA B 133 12.45 7.59 -4.18
C ALA B 133 13.65 6.99 -3.48
N ASP B 134 14.29 5.99 -4.10
CA ASP B 134 15.47 5.38 -3.50
C ASP B 134 16.63 6.38 -3.43
N MET B 135 16.85 7.15 -4.46
CA MET B 135 17.91 8.10 -4.51
C MET B 135 17.70 9.24 -3.45
N MET B 136 16.51 9.70 -3.35
CA MET B 136 16.25 10.70 -2.32
C MET B 136 16.46 10.12 -0.92
N LEU B 137 16.08 8.85 -0.73
CA LEU B 137 16.38 8.18 0.54
C LEU B 137 17.88 8.07 0.76
N ARG B 138 18.60 7.71 -0.28
CA ARG B 138 20.01 7.61 -0.24
C ARG B 138 20.58 8.96 0.20
N ASN B 139 20.20 10.01 -0.48
CA ASN B 139 20.69 11.35 -0.19
C ASN B 139 20.34 11.77 1.23
N ALA B 140 19.14 11.44 1.68
CA ALA B 140 18.72 11.81 3.02
C ALA B 140 19.48 11.00 4.08
N CYS B 141 19.76 9.73 3.79
CA CYS B 141 20.11 8.79 4.84
C CYS B 141 21.54 8.25 4.78
N GLU B 142 22.10 8.04 3.59
CA GLU B 142 23.39 7.35 3.51
C GLU B 142 24.47 8.10 4.28
N ARG B 143 24.44 9.43 4.27
CA ARG B 143 25.45 10.22 4.97
C ARG B 143 25.04 10.58 6.40
N LEU B 144 23.92 10.05 6.89
CA LEU B 144 23.62 10.15 8.31
C LEU B 144 24.64 9.35 9.11
N SER B 145 25.12 9.94 10.20
CA SER B 145 25.96 9.18 11.11
C SER B 145 25.09 8.20 11.89
N PRO B 146 25.70 7.11 12.37
CA PRO B 146 24.94 6.19 13.23
C PRO B 146 24.26 6.95 14.35
N GLY B 147 22.96 6.68 14.51
CA GLY B 147 22.15 7.45 15.44
C GLY B 147 21.60 8.74 14.87
N GLY B 148 22.04 9.15 13.69
CA GLY B 148 21.44 10.31 13.04
C GLY B 148 19.98 10.06 12.70
N TYR B 149 19.27 11.14 12.42
CA TYR B 149 17.84 11.09 12.20
C TYR B 149 17.48 11.59 10.81
N PHE B 150 16.53 10.89 10.19
CA PHE B 150 15.88 11.33 8.96
C PHE B 150 14.45 11.67 9.33
N ILE B 151 14.15 12.96 9.40
CA ILE B 151 12.84 13.43 9.82
C ILE B 151 12.22 14.21 8.68
N GLY B 152 10.90 14.11 8.56
CA GLY B 152 10.25 14.78 7.45
C GLY B 152 8.75 14.81 7.61
N THR B 153 8.12 15.43 6.62
CA THR B 153 6.67 15.55 6.54
C THR B 153 6.26 15.29 5.10
N THR B 154 5.21 14.49 4.92
CA THR B 154 4.75 14.13 3.60
C THR B 154 3.26 13.83 3.69
N PRO B 155 2.52 13.97 2.59
CA PRO B 155 1.09 13.65 2.62
C PRO B 155 0.87 12.21 3.08
N ASN B 156 -0.17 12.01 3.86
CA ASN B 156 -0.56 10.69 4.34
C ASN B 156 -1.35 10.01 3.23
N SER B 157 -0.74 9.01 2.58
CA SER B 157 -1.38 8.39 1.42
C SER B 157 -2.76 7.86 1.76
N PHE B 158 -2.94 7.35 2.99
CA PHE B 158 -4.27 6.86 3.38
C PHE B 158 -5.28 7.98 3.39
N GLU B 159 -4.93 9.13 3.99
CA GLU B 159 -5.86 10.25 4.03
C GLU B 159 -6.17 10.75 2.62
N LEU B 160 -5.16 10.78 1.74
CA LEU B 160 -5.38 11.16 0.36
C LEU B 160 -6.34 10.20 -0.33
N ILE B 161 -6.07 8.90 -0.21
CA ILE B 161 -6.91 7.91 -0.87
C ILE B 161 -8.29 7.87 -0.24
N ARG B 162 -8.36 7.95 1.09
CA ARG B 162 -9.66 7.91 1.76
C ARG B 162 -10.55 9.04 1.27
N ARG B 163 -10.01 10.26 1.24
CA ARG B 163 -10.80 11.40 0.75
C ARG B 163 -11.10 11.27 -0.73
N LEU B 164 -10.20 10.65 -1.50
CA LEU B 164 -10.45 10.46 -2.92
C LEU B 164 -11.56 9.43 -3.14
N GLU B 165 -11.43 8.24 -2.53
CA GLU B 165 -12.48 7.24 -2.63
C GLU B 165 -13.81 7.78 -2.12
N ALA B 166 -13.78 8.64 -1.10
CA ALA B 166 -15.00 9.19 -0.54
C ALA B 166 -15.65 10.20 -1.49
N SER B 167 -14.84 10.93 -2.25
CA SER B 167 -15.38 11.87 -3.21
C SER B 167 -16.04 11.15 -4.38
N GLU B 168 -17.03 11.81 -5.00
CA GLU B 168 -17.62 11.31 -6.23
C GLU B 168 -16.80 11.68 -7.45
N THR B 169 -15.84 12.57 -7.30
CA THR B 169 -14.92 12.99 -8.35
C THR B 169 -13.52 12.47 -8.02
N GLU B 170 -12.59 12.72 -8.92
CA GLU B 170 -11.19 12.44 -8.63
C GLU B 170 -10.52 13.60 -7.89
N SER B 171 -11.31 14.53 -7.38
CA SER B 171 -10.79 15.69 -6.67
C SER B 171 -11.49 15.81 -5.32
N PHE B 172 -10.81 16.51 -4.41
CA PHE B 172 -11.39 16.88 -3.13
C PHE B 172 -10.60 18.08 -2.61
N GLY B 173 -11.19 18.78 -1.66
CA GLY B 173 -10.55 19.93 -1.09
C GLY B 173 -11.60 20.90 -0.58
N ASN B 174 -11.17 22.15 -0.44
CA ASN B 174 -12.01 23.19 0.13
C ASN B 174 -11.56 24.52 -0.45
N GLU B 175 -11.81 25.60 0.29
CA GLU B 175 -11.38 26.93 -0.15
C GLU B 175 -9.87 27.06 -0.22
N ILE B 176 -9.14 26.23 0.52
CA ILE B 176 -7.71 26.40 0.69
C ILE B 176 -6.91 25.51 -0.27
N TYR B 177 -7.31 24.26 -0.41
CA TYR B 177 -6.56 23.29 -1.20
C TYR B 177 -7.52 22.47 -2.04
N THR B 178 -7.03 22.03 -3.19
CA THR B 178 -7.73 21.04 -4.01
C THR B 178 -6.75 19.96 -4.40
N VAL B 179 -7.14 18.70 -4.20
CA VAL B 179 -6.35 17.55 -4.63
C VAL B 179 -7.10 16.90 -5.78
N LYS B 180 -6.42 16.73 -6.91
CA LYS B 180 -7.00 16.10 -8.09
C LYS B 180 -6.12 14.92 -8.49
N PHE B 181 -6.65 13.72 -8.38
CA PHE B 181 -5.91 12.54 -8.81
C PHE B 181 -6.12 12.33 -10.30
N GLN B 182 -5.05 11.90 -10.98
CA GLN B 182 -5.15 11.54 -12.39
C GLN B 182 -6.17 10.44 -12.59
N LYS B 183 -6.04 9.36 -11.83
CA LYS B 183 -6.95 8.23 -11.88
C LYS B 183 -7.45 7.92 -10.48
N LYS B 184 -8.53 7.14 -10.40
CA LYS B 184 -9.03 6.64 -9.13
C LYS B 184 -8.95 5.12 -9.12
N GLY B 185 -8.74 4.57 -7.91
CA GLY B 185 -8.54 3.15 -7.75
C GLY B 185 -7.17 2.65 -8.18
N ASP B 186 -6.40 3.45 -8.90
CA ASP B 186 -5.09 3.07 -9.42
C ASP B 186 -4.04 3.85 -8.64
N TYR B 187 -3.39 3.17 -7.69
CA TYR B 187 -2.41 3.79 -6.80
C TYR B 187 -1.10 3.02 -6.86
N PRO B 188 -0.40 3.10 -7.99
CA PRO B 188 0.90 2.42 -8.09
C PRO B 188 1.85 2.88 -6.99
N LEU B 189 2.70 1.96 -6.54
CA LEU B 189 3.68 2.31 -5.51
C LEU B 189 4.43 3.57 -5.90
N PHE B 190 4.80 3.69 -7.17
CA PHE B 190 5.52 4.85 -7.65
C PHE B 190 4.77 5.47 -8.81
N GLY B 191 4.88 6.79 -8.92
CA GLY B 191 4.23 7.50 -9.98
C GLY B 191 2.72 7.64 -9.85
N CYS B 192 2.12 7.29 -8.72
CA CYS B 192 0.71 7.59 -8.57
C CYS B 192 0.59 9.10 -8.47
N LYS B 193 0.36 9.76 -9.62
CA LYS B 193 0.41 11.20 -9.69
C LYS B 193 -0.91 11.82 -9.24
N TYR B 194 -0.81 12.96 -8.57
CA TYR B 194 -1.97 13.78 -8.25
C TYR B 194 -1.52 15.23 -8.21
N ASP B 195 -2.45 16.13 -8.50
CA ASP B 195 -2.17 17.55 -8.45
C ASP B 195 -2.55 18.10 -7.09
N PHE B 196 -1.62 18.83 -6.47
CA PHE B 196 -1.88 19.52 -5.22
C PHE B 196 -1.96 21.02 -5.53
N ASN B 197 -3.15 21.57 -5.40
CA ASN B 197 -3.40 22.99 -5.63
C ASN B 197 -3.74 23.62 -4.29
N LEU B 198 -2.73 24.20 -3.65
CA LEU B 198 -2.94 25.00 -2.44
C LEU B 198 -3.28 26.41 -2.91
N GLU B 199 -4.57 26.73 -2.89
CA GLU B 199 -5.10 27.89 -3.61
C GLU B 199 -4.26 29.13 -3.37
N GLY B 200 -3.90 29.81 -4.46
CA GLY B 200 -3.14 31.05 -4.37
C GLY B 200 -1.75 30.87 -3.83
N VAL B 201 -1.20 29.66 -3.88
CA VAL B 201 0.16 29.39 -3.44
C VAL B 201 0.88 28.62 -4.53
N VAL B 202 0.53 27.35 -4.66
CA VAL B 202 1.26 26.42 -5.52
C VAL B 202 0.25 25.51 -6.20
N ASP B 203 0.55 25.14 -7.44
CA ASP B 203 -0.16 24.09 -8.16
C ASP B 203 0.92 23.16 -8.71
N VAL B 204 1.15 22.04 -8.02
CA VAL B 204 2.29 21.19 -8.35
C VAL B 204 1.85 19.74 -8.41
N PRO B 205 2.32 18.98 -9.40
CA PRO B 205 2.05 17.54 -9.41
C PRO B 205 2.80 16.86 -8.28
N GLU B 206 2.12 15.91 -7.64
CA GLU B 206 2.69 15.19 -6.52
C GLU B 206 2.51 13.70 -6.76
N PHE B 207 3.23 12.91 -5.99
CA PHE B 207 3.17 11.45 -6.09
C PHE B 207 2.82 10.87 -4.74
N LEU B 208 1.95 9.87 -4.77
CA LEU B 208 1.55 9.20 -3.54
C LEU B 208 2.76 8.54 -2.89
N VAL B 209 2.85 8.69 -1.58
CA VAL B 209 3.90 8.05 -0.78
C VAL B 209 3.19 7.06 0.14
N TYR B 210 3.15 5.79 -0.27
CA TYR B 210 2.71 4.75 0.65
C TYR B 210 3.76 4.61 1.73
N PHE B 211 3.46 5.08 2.95
CA PHE B 211 4.49 5.12 3.96
C PHE B 211 5.07 3.76 4.29
N PRO B 212 4.30 2.68 4.41
CA PRO B 212 4.91 1.36 4.53
C PRO B 212 5.98 1.11 3.47
N LEU B 213 5.76 1.60 2.26
CA LEU B 213 6.79 1.50 1.23
C LEU B 213 8.01 2.33 1.60
N LEU B 214 7.80 3.59 2.00
CA LEU B 214 8.91 4.42 2.45
C LEU B 214 9.64 3.77 3.62
N ASN B 215 8.89 3.18 4.56
CA ASN B 215 9.50 2.58 5.73
C ASN B 215 10.48 1.48 5.35
N GLU B 216 10.05 0.55 4.49
CA GLU B 216 10.94 -0.54 4.09
C GLU B 216 12.13 -0.02 3.29
N MET B 217 11.90 0.93 2.37
CA MET B 217 12.99 1.43 1.55
C MET B 217 14.05 2.14 2.36
N ALA B 218 13.66 2.82 3.43
CA ALA B 218 14.64 3.47 4.30
C ALA B 218 15.56 2.47 4.97
N LYS B 219 15.13 1.20 5.09
CA LYS B 219 15.99 0.17 5.66
C LYS B 219 17.17 -0.15 4.76
N LYS B 220 17.10 0.19 3.47
CA LYS B 220 18.24 0.00 2.59
C LYS B 220 19.45 0.76 3.09
N TYR B 221 19.24 1.85 3.83
CA TYR B 221 20.30 2.66 4.41
C TYR B 221 20.35 2.51 5.92
N ASN B 222 19.91 1.37 6.42
CA ASN B 222 19.99 1.03 7.84
C ASN B 222 19.19 2.01 8.69
N MET B 223 18.05 2.44 8.16
CA MET B 223 17.16 3.36 8.86
C MET B 223 16.01 2.58 9.48
N LYS B 224 15.71 2.90 10.74
CA LYS B 224 14.59 2.31 11.45
C LYS B 224 13.62 3.41 11.87
N LEU B 225 12.34 3.14 11.69
CA LEU B 225 11.32 4.12 12.06
C LEU B 225 11.42 4.44 13.54
N VAL B 226 11.58 5.73 13.85
CA VAL B 226 11.35 6.19 15.21
C VAL B 226 9.86 6.34 15.46
N TYR B 227 9.19 7.15 14.63
CA TYR B 227 7.74 7.19 14.63
C TYR B 227 7.23 7.77 13.33
N LYS B 228 5.99 7.43 13.01
CA LYS B 228 5.21 8.06 11.95
C LYS B 228 3.90 8.49 12.57
N LYS B 229 3.57 9.78 12.44
CA LYS B 229 2.38 10.30 13.06
C LYS B 229 1.64 11.20 12.09
N THR B 230 0.32 11.04 12.03
CA THR B 230 -0.48 12.01 11.32
C THR B 230 -0.30 13.39 11.96
N PHE B 231 -0.52 14.44 11.17
CA PHE B 231 -0.40 15.77 11.71
C PHE B 231 -1.33 15.96 12.91
N LEU B 232 -2.48 15.30 12.91
CA LEU B 232 -3.40 15.37 14.04
C LEU B 232 -2.80 14.71 15.27
N GLU B 233 -2.43 13.43 15.15
CA GLU B 233 -1.78 12.75 16.28
C GLU B 233 -0.57 13.54 16.77
N PHE B 234 0.29 13.94 15.84
CA PHE B 234 1.47 14.71 16.22
C PHE B 234 1.09 15.99 16.95
N TYR B 235 0.14 16.75 16.39
CA TYR B 235 -0.31 17.98 17.05
C TYR B 235 -0.86 17.68 18.43
N GLU B 236 -1.86 16.80 18.51
CA GLU B 236 -2.51 16.53 19.79
C GLU B 236 -1.54 15.97 20.81
N GLU B 237 -0.50 15.29 20.35
CA GLU B 237 0.52 14.78 21.26
C GLU B 237 1.47 15.88 21.71
N LYS B 238 1.88 16.74 20.78
CA LYS B 238 2.92 17.73 21.06
C LYS B 238 2.39 18.97 21.78
N ILE B 239 1.10 19.28 21.66
CA ILE B 239 0.56 20.42 22.39
C ILE B 239 0.46 20.14 23.88
N LYS B 240 0.42 18.87 24.27
CA LYS B 240 0.47 18.53 25.69
C LYS B 240 1.76 19.00 26.35
N ASN B 241 2.76 19.36 25.56
CA ASN B 241 4.02 19.88 26.09
C ASN B 241 3.92 21.40 26.22
N ASN B 242 4.30 21.91 27.38
CA ASN B 242 4.07 23.33 27.68
C ASN B 242 4.86 24.24 26.75
N GLU B 243 6.13 23.92 26.49
CA GLU B 243 6.93 24.75 25.59
C GLU B 243 6.37 24.73 24.18
N ASN B 244 5.92 23.57 23.72
CA ASN B 244 5.26 23.49 22.42
C ASN B 244 3.95 24.27 22.43
N LYS B 245 3.16 24.13 23.50
CA LYS B 245 1.94 24.92 23.62
C LYS B 245 2.25 26.41 23.65
N MET B 246 3.37 26.79 24.27
CA MET B 246 3.77 28.19 24.29
C MET B 246 4.20 28.67 22.92
N LEU B 247 4.98 27.85 22.20
CA LEU B 247 5.34 28.20 20.84
C LEU B 247 4.10 28.36 19.97
N LEU B 248 3.12 27.46 20.13
CA LEU B 248 1.88 27.57 19.39
C LEU B 248 1.21 28.92 19.64
N LYS B 249 1.25 29.39 20.89
CA LYS B 249 0.67 30.70 21.19
C LYS B 249 1.52 31.82 20.62
N ARG B 250 2.85 31.74 20.81
CA ARG B 250 3.73 32.77 20.30
C ARG B 250 3.59 32.96 18.79
N MET B 251 3.28 31.88 18.10
CA MET B 251 3.18 31.94 16.62
C MET B 251 1.76 32.35 16.25
N GLY B 252 0.91 32.38 17.26
CA GLY B 252 -0.47 32.85 17.04
C GLY B 252 -1.27 31.83 16.27
N LEU B 253 -1.00 30.55 16.54
CA LEU B 253 -1.71 29.45 15.88
C LEU B 253 -2.75 28.90 16.84
N GLY B 254 -3.42 29.79 17.53
CA GLY B 254 -4.46 29.41 18.51
C GLY B 254 -5.61 28.64 17.90
N CYS B 255 -6.04 29.00 16.70
CA CYS B 255 -7.06 28.09 16.11
C CYS B 255 -6.99 28.05 14.58
N LEU B 256 -6.85 26.85 14.02
CA LEU B 256 -6.91 26.75 12.55
C LEU B 256 -8.36 26.65 12.10
N SER B 257 -8.71 27.30 10.97
CA SER B 257 -10.01 27.15 10.35
C SER B 257 -10.33 25.67 10.25
N LYS B 258 -11.61 25.34 10.04
CA LYS B 258 -11.94 23.95 9.73
C LYS B 258 -11.33 23.53 8.40
N SER B 259 -11.39 24.42 7.40
CA SER B 259 -10.79 24.13 6.10
C SER B 259 -9.26 24.11 6.19
N GLU B 260 -8.69 24.89 7.11
CA GLU B 260 -7.24 24.86 7.28
C GLU B 260 -6.78 23.52 7.84
N TRP B 261 -7.49 23.01 8.86
CA TRP B 261 -7.12 21.71 9.39
C TRP B 261 -7.25 20.62 8.33
N GLU B 262 -8.31 20.69 7.51
CA GLU B 262 -8.47 19.71 6.44
C GLU B 262 -7.25 19.66 5.54
N ALA B 263 -6.66 20.82 5.26
CA ALA B 263 -5.45 20.84 4.44
C ALA B 263 -4.26 20.30 5.20
N THR B 264 -4.18 20.58 6.51
CA THR B 264 -3.05 20.12 7.30
C THR B 264 -3.18 18.64 7.64
N SER B 265 -4.40 18.16 7.92
CA SER B 265 -4.59 16.77 8.28
C SER B 265 -4.16 15.81 7.17
N ILE B 266 -3.95 16.32 5.96
CA ILE B 266 -3.47 15.49 4.86
C ILE B 266 -2.09 14.91 5.15
N TYR B 267 -1.34 15.53 6.05
CA TYR B 267 0.08 15.24 6.19
C TYR B 267 0.35 14.35 7.39
N LEU B 268 1.50 13.70 7.35
CA LEU B 268 2.04 12.97 8.47
C LEU B 268 3.47 13.42 8.69
N VAL B 269 3.95 13.22 9.92
CA VAL B 269 5.34 13.46 10.26
C VAL B 269 5.99 12.11 10.52
N PHE B 270 7.20 11.94 10.01
CA PHE B 270 7.93 10.70 10.19
C PHE B 270 9.33 11.02 10.71
N ALA B 271 9.89 10.06 11.43
CA ALA B 271 11.26 10.13 11.88
C ALA B 271 11.86 8.75 11.79
N PHE B 272 13.01 8.66 11.14
CA PHE B 272 13.82 7.45 11.14
C PHE B 272 15.14 7.74 11.82
N GLU B 273 15.70 6.73 12.46
CA GLU B 273 17.01 6.81 13.07
C GLU B 273 17.97 5.87 12.34
N LYS B 274 19.15 6.37 12.05
CA LYS B 274 20.20 5.52 11.48
C LYS B 274 20.67 4.53 12.54
N GLN B 275 20.54 3.24 12.23
CA GLN B 275 20.96 2.22 13.17
C GLN B 275 22.48 2.10 13.22
N GLN B 276 22.96 1.29 14.15
CA GLN B 276 24.40 1.07 14.30
C GLN B 276 24.89 0.01 13.32
N SAH C . -9.98 -21.41 -2.79
CA SAH C . -10.88 -22.08 -1.94
CB SAH C . -10.41 -22.01 -0.52
CG SAH C . -10.30 -20.62 0.11
SD SAH C . -9.93 -20.66 1.87
C SAH C . -12.26 -21.52 -2.13
O SAH C . -13.11 -22.13 -1.58
OXT SAH C . -12.44 -20.51 -2.80
C5' SAH C . -8.24 -20.34 1.89
C4' SAH C . -7.44 -21.52 1.44
O4' SAH C . -6.14 -21.14 1.33
C3' SAH C . -7.50 -22.70 2.42
O3' SAH C . -7.87 -23.90 1.82
C2' SAH C . -6.11 -22.72 2.98
O2' SAH C . -5.74 -23.99 3.34
C1' SAH C . -5.34 -22.13 1.82
N9 SAH C . -4.00 -21.64 2.10
C8 SAH C . -3.65 -20.79 3.01
N7 SAH C . -2.39 -20.59 2.95
C5 SAH C . -1.94 -21.29 1.95
C6 SAH C . -0.62 -21.52 1.34
N6 SAH C . 0.38 -20.86 1.90
N1 SAH C . -0.52 -22.32 0.26
C2 SAH C . -1.55 -22.95 -0.19
N3 SAH C . -2.78 -22.76 0.29
C4 SAH C . -3.01 -21.96 1.34
C10 K7R D . -14.28 -15.85 2.54
C13 K7R D . -12.82 -18.07 3.62
C15 K7R D . -11.63 -18.67 4.33
C20 K7R D . -10.86 -22.19 6.13
C21 K7R D . -12.15 -22.05 5.68
C22 K7R D . -12.56 -20.92 5.04
C02 K7R D . -15.01 -17.87 1.00
C03 K7R D . -14.59 -19.22 0.45
C04 K7R D . -15.14 -20.27 1.44
C05 K7R D . -16.26 -19.99 2.23
C06 K7R D . -16.60 -21.02 3.10
C08 K7R D . -14.56 -21.53 1.62
C11 K7R D . -13.92 -15.98 4.05
C12 K7R D . -12.89 -16.94 4.52
C14 K7R D . -12.77 -17.60 2.18
C18 K7R D . -10.33 -20.15 5.32
C23 K7R D . -11.59 -19.94 4.87
N09 K7R D . -14.09 -17.13 1.83
N16 K7R D . -10.42 -18.19 4.42
N17 K7R D . -9.63 -19.07 5.04
N19 K7R D . -9.98 -21.28 5.94
O01 K7R D . -16.06 -17.46 0.77
S07 K7R D . -15.50 -22.28 2.84
S SO4 E . -16.82 -25.38 -0.41
O1 SO4 E . -17.23 -24.90 0.91
O2 SO4 E . -16.85 -24.26 -1.36
O3 SO4 E . -15.47 -25.93 -0.33
O4 SO4 E . -17.75 -26.42 -0.86
N SAH F . 11.34 22.16 2.86
CA SAH F . 10.82 23.51 2.62
CB SAH F . 10.19 23.61 1.25
CG SAH F . 9.05 22.63 1.00
SD SAH F . 8.12 23.01 -0.51
C SAH F . 9.83 23.89 3.71
O SAH F . 9.45 23.07 4.55
OXT SAH F . 9.36 25.04 3.77
C5' SAH F . 8.79 21.51 -1.28
C4' SAH F . 10.21 21.72 -1.78
O4' SAH F . 10.74 20.50 -2.27
C3' SAH F . 10.26 22.72 -2.92
O3' SAH F . 11.22 23.71 -2.61
C2' SAH F . 10.76 21.94 -4.11
O2' SAH F . 11.64 22.71 -4.89
C1' SAH F . 11.48 20.79 -3.45
N9 SAH F . 11.65 19.59 -4.30
C8 SAH F . 10.72 18.95 -5.06
N7 SAH F . 11.32 17.90 -5.67
C5 SAH F . 12.62 17.86 -5.30
C6 SAH F . 13.67 17.02 -5.61
N6 SAH F . 13.48 15.99 -6.45
N1 SAH F . 14.91 17.24 -5.07
C2 SAH F . 15.12 18.30 -4.21
N3 SAH F . 14.06 19.13 -3.90
C4 SAH F . 12.84 18.93 -4.44
C10 K7R G . 3.01 22.17 1.93
C13 K7R G . 4.62 23.65 -0.02
C15 K7R G . 5.20 23.39 -1.43
C20 K7R G . 5.72 25.57 -4.96
C21 K7R G . 5.10 26.29 -3.93
C22 K7R G . 4.87 25.68 -2.69
C02 K7R G . 4.06 23.84 3.70
C03 K7R G . 5.21 24.80 4.08
C04 K7R G . 5.33 25.98 3.09
C05 K7R G . 4.26 26.83 2.84
C06 K7R G . 4.54 27.84 1.93
C08 K7R G . 6.51 26.25 2.41
C11 K7R G . 2.46 22.55 0.54
C12 K7R G . 3.55 22.71 -0.47
C14 K7R G . 5.17 23.28 1.36
C18 K7R G . 5.87 23.68 -3.57
C23 K7R G . 5.27 24.33 -2.51
N09 K7R G . 4.08 23.14 2.40
N16 K7R G . 5.75 22.25 -1.85
N17 K7R G . 6.16 22.41 -3.16
N19 K7R G . 6.08 24.31 -4.77
O01 K7R G . 3.16 23.66 4.45
S07 K7R G . 6.18 27.63 1.44
S SO4 H . 8.63 30.30 4.97
O1 SO4 H . 9.34 30.71 6.18
O2 SO4 H . 7.31 30.92 4.95
O3 SO4 H . 8.49 28.84 4.95
O4 SO4 H . 9.37 30.74 3.80
C1 GOL I . 11.18 -1.69 -7.94
O1 GOL I . 9.96 -1.02 -7.95
C2 GOL I . 11.68 -1.67 -6.47
O2 GOL I . 10.64 -1.79 -5.56
C3 GOL I . 12.68 -2.84 -6.38
O3 GOL I . 13.45 -2.62 -5.23
H2 GOL I . 12.12 -0.82 -6.27
#